data_6RG7
#
_entry.id   6RG7
#
_cell.length_a   62.948
_cell.length_b   75.713
_cell.length_c   118.148
_cell.angle_alpha   90.000
_cell.angle_beta   90.000
_cell.angle_gamma   90.000
#
_symmetry.space_group_name_H-M   'I 2 2 2'
#
loop_
_entity.id
_entity.type
_entity.pdbx_description
1 polymer 'NAD kinase 1'
2 non-polymer 'CITRIC ACID'
3 non-polymer (2~{R},3~{R},4~{S},5~{R})-2-(6-aminopurin-9-yl)-5-[[3-(6-azanyl-9~{H}-purin-8-yl)prop-2-ynyl-methyl-amino]methyl]oxolane-3,4-diol
4 water water
#
_entity_poly.entity_id   1
_entity_poly.type   'polypeptide(L)'
_entity_poly.pdbx_seq_one_letter_code
;MKYMITSKGDEKSDLLRLNMIAGFGEYDMEYDDVEPEIVISIGGDGTFLSAFHQYEERLDEIAFIGIHTGHLGFYADWRP
AEADKLVKLLAKGEYQKVSYPLLKTTVKYGIGKKEATYLALNESTVKSSGGPFVVDVVINDIHFERFRGDGLCMSTPSGT
TAYNKSLGGALMHPSIEAMQLTEMASINNRVYRTIGSPLVFPKHHVVSLQPVNDKDFQISVDHLSILHRDVQEIRYEVSA
KKIHFARFRSFPFWRRVHDSFIEDLEHHHHHH
;
_entity_poly.pdbx_strand_id   A
#
loop_
_chem_comp.id
_chem_comp.type
_chem_comp.name
_chem_comp.formula
CIT non-polymer 'CITRIC ACID' 'C6 H8 O7'
K2H non-polymer (2~{R},3~{R},4~{S},5~{R})-2-(6-aminopurin-9-yl)-5-[[3-(6-azanyl-9~{H}-purin-8-yl)prop-2-ynyl-methyl-amino]methyl]oxolane-3,4-diol 'C19 H21 N11 O3'
#
# COMPACT_ATOMS: atom_id res chain seq x y z
N MET A 1 -3.81 -20.35 17.51
CA MET A 1 -4.58 -20.06 16.30
C MET A 1 -3.77 -20.38 15.05
N LYS A 2 -4.40 -20.23 13.89
CA LYS A 2 -3.74 -20.55 12.63
C LYS A 2 -2.84 -19.40 12.18
N TYR A 3 -1.73 -19.76 11.56
CA TYR A 3 -0.75 -18.77 11.12
C TYR A 3 -0.06 -19.28 9.86
N MET A 4 0.63 -18.35 9.18
CA MET A 4 1.51 -18.71 8.07
C MET A 4 2.63 -17.69 8.01
N ILE A 5 3.75 -18.10 7.42
CA ILE A 5 4.91 -17.23 7.25
C ILE A 5 5.31 -17.24 5.79
N THR A 6 5.42 -16.05 5.19
CA THR A 6 5.95 -15.86 3.85
C THR A 6 7.38 -15.34 3.95
N SER A 7 8.20 -15.71 2.95
CA SER A 7 9.62 -15.41 2.97
C SER A 7 10.06 -14.75 1.68
N LYS A 8 11.05 -13.86 1.79
CA LYS A 8 11.63 -13.22 0.61
C LYS A 8 12.27 -14.24 -0.31
N GLY A 9 12.76 -15.35 0.23
CA GLY A 9 13.32 -16.43 -0.55
C GLY A 9 14.81 -16.60 -0.37
N ASP A 10 15.51 -15.58 0.11
CA ASP A 10 16.95 -15.69 0.32
C ASP A 10 17.25 -16.58 1.53
N GLU A 11 18.53 -16.89 1.72
CA GLU A 11 18.91 -17.82 2.77
C GLU A 11 18.53 -17.29 4.15
N LYS A 12 18.73 -15.99 4.38
CA LYS A 12 18.48 -15.43 5.71
C LYS A 12 17.00 -15.51 6.07
N SER A 13 16.11 -15.19 5.13
CA SER A 13 14.69 -15.17 5.42
C SER A 13 14.11 -16.58 5.55
N ASP A 14 14.54 -17.51 4.69
CA ASP A 14 14.06 -18.88 4.79
C ASP A 14 14.48 -19.52 6.11
N LEU A 15 15.72 -19.27 6.52
CA LEU A 15 16.22 -19.86 7.76
C LEU A 15 15.49 -19.28 8.97
N LEU A 16 15.23 -17.97 8.96
CA LEU A 16 14.48 -17.37 10.05
C LEU A 16 13.04 -17.87 10.06
N ARG A 17 12.47 -18.12 8.88
CA ARG A 17 11.11 -18.63 8.80
C ARG A 17 11.01 -20.03 9.42
N LEU A 18 11.97 -20.90 9.11
CA LEU A 18 11.95 -22.25 9.66
C LEU A 18 12.21 -22.25 11.16
N ASN A 19 13.01 -21.31 11.66
CA ASN A 19 13.22 -21.21 13.10
C ASN A 19 11.94 -20.76 13.81
N MET A 20 11.18 -19.85 13.20
CA MET A 20 9.94 -19.40 13.82
C MET A 20 8.88 -20.49 13.81
N ILE A 21 8.79 -21.24 12.71
CA ILE A 21 7.86 -22.37 12.67
C ILE A 21 8.20 -23.37 13.75
N ALA A 22 9.50 -23.64 13.94
CA ALA A 22 9.93 -24.53 15.01
C ALA A 22 9.57 -23.97 16.38
N GLY A 23 9.75 -22.66 16.57
CA GLY A 23 9.35 -22.04 17.82
C GLY A 23 7.85 -22.07 18.02
N PHE A 24 7.08 -21.83 16.95
CA PHE A 24 5.63 -21.90 17.06
C PHE A 24 5.16 -23.32 17.40
N GLY A 25 5.90 -24.33 16.94
CA GLY A 25 5.54 -25.71 17.24
C GLY A 25 5.57 -26.05 18.72
N GLU A 26 6.35 -25.31 19.50
CA GLU A 26 6.40 -25.46 20.95
C GLU A 26 5.18 -24.85 21.64
N TYR A 27 4.22 -24.33 20.88
CA TYR A 27 2.97 -23.79 21.40
C TYR A 27 1.80 -24.41 20.64
N ASP A 28 0.59 -24.10 21.10
CA ASP A 28 -0.63 -24.52 20.41
C ASP A 28 -0.89 -23.56 19.24
N MET A 29 -0.07 -23.73 18.20
CA MET A 29 -0.14 -22.92 17.00
C MET A 29 -0.16 -23.84 15.79
N GLU A 30 -1.08 -23.60 14.87
CA GLU A 30 -1.27 -24.44 13.69
C GLU A 30 -0.86 -23.66 12.45
N TYR A 31 0.08 -24.21 11.69
CA TYR A 31 0.47 -23.58 10.43
C TYR A 31 -0.60 -23.83 9.38
N ASP A 32 -1.12 -22.76 8.80
CA ASP A 32 -2.14 -22.85 7.76
C ASP A 32 -2.00 -21.63 6.87
N ASP A 33 -1.75 -21.85 5.58
CA ASP A 33 -1.65 -20.74 4.64
C ASP A 33 -2.93 -20.56 3.82
N VAL A 34 -4.01 -21.21 4.20
CA VAL A 34 -5.31 -21.04 3.55
C VAL A 34 -6.19 -20.09 4.33
N GLU A 35 -6.40 -20.34 5.62
CA GLU A 35 -7.19 -19.47 6.49
C GLU A 35 -6.42 -19.15 7.77
N PRO A 36 -5.31 -18.42 7.66
CA PRO A 36 -4.57 -18.05 8.87
C PRO A 36 -5.16 -16.83 9.55
N GLU A 37 -4.94 -16.76 10.86
CA GLU A 37 -5.25 -15.53 11.60
C GLU A 37 -4.05 -14.62 11.73
N ILE A 38 -2.83 -15.17 11.60
CA ILE A 38 -1.59 -14.43 11.73
C ILE A 38 -0.78 -14.64 10.45
N VAL A 39 -0.39 -13.55 9.80
CA VAL A 39 0.44 -13.59 8.61
C VAL A 39 1.72 -12.84 8.92
N ILE A 40 2.84 -13.56 8.98
CA ILE A 40 4.14 -12.98 9.26
C ILE A 40 4.92 -12.90 7.96
N SER A 41 5.45 -11.71 7.66
CA SER A 41 6.25 -11.49 6.48
C SER A 41 7.71 -11.30 6.92
N ILE A 42 8.61 -12.01 6.26
CA ILE A 42 10.03 -11.98 6.57
C ILE A 42 10.78 -11.61 5.30
N GLY A 43 11.36 -10.40 5.28
CA GLY A 43 12.06 -9.91 4.12
C GLY A 43 12.14 -8.40 4.11
N GLY A 44 11.42 -7.79 3.18
CA GLY A 44 11.36 -6.34 3.13
C GLY A 44 9.93 -5.85 3.04
N ASP A 45 9.73 -4.57 2.76
CA ASP A 45 8.38 -4.05 2.56
C ASP A 45 7.72 -4.68 1.35
N GLY A 46 8.51 -5.04 0.34
CA GLY A 46 7.95 -5.71 -0.82
C GLY A 46 7.40 -7.09 -0.50
N THR A 47 8.10 -7.83 0.36
CA THR A 47 7.59 -9.11 0.83
C THR A 47 6.27 -8.92 1.57
N PHE A 48 6.17 -7.86 2.38
CA PHE A 48 4.93 -7.59 3.10
C PHE A 48 3.79 -7.26 2.14
N LEU A 49 4.08 -6.46 1.11
CA LEU A 49 3.05 -6.12 0.13
C LEU A 49 2.50 -7.36 -0.56
N SER A 50 3.37 -8.31 -0.88
CA SER A 50 2.90 -9.56 -1.48
C SER A 50 2.06 -10.35 -0.49
N ALA A 51 2.47 -10.38 0.78
CA ALA A 51 1.68 -11.06 1.80
C ALA A 51 0.32 -10.40 1.96
N PHE A 52 0.26 -9.08 1.86
CA PHE A 52 -1.01 -8.36 1.95
C PHE A 52 -1.95 -8.77 0.83
N HIS A 53 -1.47 -8.73 -0.42
CA HIS A 53 -2.34 -9.04 -1.55
C HIS A 53 -2.65 -10.52 -1.66
N GLN A 54 -1.82 -11.40 -1.08
CA GLN A 54 -2.15 -12.82 -1.09
C GLN A 54 -3.39 -13.11 -0.28
N TYR A 55 -3.64 -12.34 0.77
CA TYR A 55 -4.77 -12.57 1.67
C TYR A 55 -5.68 -11.35 1.74
N GLU A 56 -5.77 -10.58 0.65
CA GLU A 56 -6.60 -9.39 0.66
C GLU A 56 -8.10 -9.70 0.76
N GLU A 57 -8.49 -10.96 0.61
CA GLU A 57 -9.88 -11.35 0.72
C GLU A 57 -10.28 -11.71 2.15
N ARG A 58 -9.34 -11.76 3.08
CA ARG A 58 -9.61 -12.06 4.48
C ARG A 58 -8.91 -11.04 5.38
N LEU A 59 -8.96 -9.76 5.00
CA LEU A 59 -8.27 -8.73 5.77
C LEU A 59 -8.91 -8.55 7.14
N ASP A 60 -10.24 -8.66 7.21
CA ASP A 60 -10.95 -8.49 8.47
C ASP A 60 -10.65 -9.58 9.49
N GLU A 61 -9.95 -10.64 9.10
CA GLU A 61 -9.71 -11.79 9.98
C GLU A 61 -8.23 -12.09 10.17
N ILE A 62 -7.34 -11.17 9.80
CA ILE A 62 -5.90 -11.40 9.82
C ILE A 62 -5.20 -10.23 10.48
N ALA A 63 -4.20 -10.54 11.31
CA ALA A 63 -3.28 -9.55 11.86
C ALA A 63 -1.92 -9.76 11.21
N PHE A 64 -1.40 -8.72 10.57
CA PHE A 64 -0.15 -8.83 9.84
C PHE A 64 1.03 -8.43 10.72
N ILE A 65 2.20 -9.00 10.40
CA ILE A 65 3.45 -8.69 11.07
C ILE A 65 4.57 -8.72 10.04
N GLY A 66 5.43 -7.69 10.07
CA GLY A 66 6.57 -7.64 9.17
C GLY A 66 7.90 -7.68 9.87
N ILE A 67 8.78 -8.57 9.43
CA ILE A 67 10.15 -8.67 9.94
C ILE A 67 11.09 -8.34 8.78
N HIS A 68 12.00 -7.39 9.02
CA HIS A 68 12.95 -6.97 7.99
C HIS A 68 14.27 -7.68 8.22
N THR A 69 14.68 -8.49 7.26
CA THR A 69 15.99 -9.12 7.28
C THR A 69 17.07 -8.26 6.64
N GLY A 70 16.68 -7.20 5.95
CA GLY A 70 17.63 -6.21 5.47
C GLY A 70 17.48 -4.92 6.25
N HIS A 71 17.33 -3.81 5.56
CA HIS A 71 17.16 -2.53 6.22
C HIS A 71 15.73 -2.40 6.76
N LEU A 72 15.55 -1.46 7.68
CA LEU A 72 14.25 -1.22 8.28
C LEU A 72 13.20 -0.89 7.22
N GLY A 73 12.03 -1.50 7.34
CA GLY A 73 10.92 -1.17 6.46
C GLY A 73 9.80 -0.49 7.21
N PHE A 74 8.85 0.14 6.50
CA PHE A 74 7.74 0.78 7.21
C PHE A 74 6.66 -0.21 7.59
N TYR A 75 6.58 -1.34 6.90
CA TYR A 75 5.70 -2.44 7.29
C TYR A 75 6.48 -3.57 7.95
N ALA A 76 7.64 -3.92 7.41
CA ALA A 76 8.56 -4.86 8.05
C ALA A 76 9.46 -4.06 8.99
N ASP A 77 8.96 -3.81 10.19
CA ASP A 77 9.60 -2.90 11.13
C ASP A 77 10.11 -3.60 12.40
N TRP A 78 10.33 -4.90 12.33
CA TRP A 78 10.86 -5.66 13.47
C TRP A 78 12.10 -6.43 13.04
N ARG A 79 13.12 -6.42 13.89
CA ARG A 79 14.40 -7.03 13.56
C ARG A 79 14.36 -8.54 13.80
N PRO A 80 15.20 -9.30 13.08
CA PRO A 80 15.23 -10.76 13.27
C PRO A 80 15.55 -11.19 14.69
N ALA A 81 16.29 -10.37 15.44
CA ALA A 81 16.65 -10.75 16.81
C ALA A 81 15.44 -10.81 17.73
N GLU A 82 14.37 -10.11 17.39
CA GLU A 82 13.14 -10.10 18.18
C GLU A 82 12.19 -11.22 17.80
N ALA A 83 12.59 -12.12 16.90
CA ALA A 83 11.67 -13.14 16.38
C ALA A 83 11.21 -14.09 17.47
N ASP A 84 12.13 -14.53 18.34
CA ASP A 84 11.74 -15.46 19.41
C ASP A 84 10.76 -14.79 20.36
N LYS A 85 11.00 -13.52 20.70
CA LYS A 85 10.04 -12.81 21.54
C LYS A 85 8.71 -12.63 20.82
N LEU A 86 8.73 -12.50 19.50
CA LEU A 86 7.49 -12.42 18.73
C LEU A 86 6.70 -13.72 18.83
N VAL A 87 7.37 -14.86 18.70
CA VAL A 87 6.69 -16.15 18.79
C VAL A 87 5.97 -16.27 20.12
N LYS A 88 6.66 -15.96 21.22
CA LYS A 88 6.07 -16.12 22.55
C LYS A 88 4.82 -15.26 22.70
N LEU A 89 4.90 -13.98 22.32
CA LEU A 89 3.79 -13.08 22.54
C LEU A 89 2.64 -13.36 21.58
N LEU A 90 2.96 -13.77 20.33
CA LEU A 90 1.93 -14.25 19.43
C LEU A 90 1.17 -15.42 20.03
N ALA A 91 1.85 -16.28 20.80
CA ALA A 91 1.21 -17.50 21.30
C ALA A 91 0.08 -17.18 22.28
N LYS A 92 0.29 -16.20 23.15
CA LYS A 92 -0.74 -15.81 24.12
C LYS A 92 -1.96 -15.19 23.43
N TYR A 95 -2.22 -9.59 22.75
CA TYR A 95 -1.66 -8.40 22.11
C TYR A 95 -2.76 -7.46 21.65
N GLN A 96 -2.35 -6.31 21.10
CA GLN A 96 -3.29 -5.34 20.56
C GLN A 96 -3.16 -5.28 19.04
N LYS A 97 -4.14 -4.61 18.42
CA LYS A 97 -4.18 -4.47 16.97
C LYS A 97 -4.32 -3.00 16.60
N VAL A 98 -3.70 -2.62 15.48
CA VAL A 98 -3.83 -1.29 14.91
C VAL A 98 -4.16 -1.44 13.43
N SER A 99 -4.95 -0.51 12.91
CA SER A 99 -5.45 -0.59 11.54
C SER A 99 -5.05 0.65 10.75
N TYR A 100 -4.63 0.42 9.50
CA TYR A 100 -4.26 1.46 8.55
C TYR A 100 -5.29 1.55 7.42
N PRO A 101 -5.53 2.73 6.87
CA PRO A 101 -6.52 2.86 5.79
C PRO A 101 -5.99 2.29 4.49
N LEU A 102 -6.92 1.97 3.60
CA LEU A 102 -6.59 1.40 2.30
C LEU A 102 -7.26 2.24 1.21
N LEU A 103 -6.76 2.08 -0.01
CA LEU A 103 -7.27 2.80 -1.17
C LEU A 103 -7.98 1.82 -2.09
N LYS A 104 -9.22 2.15 -2.46
CA LYS A 104 -10.01 1.35 -3.39
C LYS A 104 -9.95 1.98 -4.77
N THR A 105 -9.52 1.20 -5.75
CA THR A 105 -9.47 1.64 -7.15
C THR A 105 -10.52 0.88 -7.95
N THR A 106 -11.33 1.61 -8.69
CA THR A 106 -12.34 1.02 -9.56
C THR A 106 -12.01 1.36 -11.00
N VAL A 107 -11.89 0.33 -11.83
CA VAL A 107 -11.60 0.49 -13.26
C VAL A 107 -12.83 0.05 -14.03
N LYS A 108 -13.45 1.00 -14.74
CA LYS A 108 -14.63 0.72 -15.54
C LYS A 108 -14.26 0.64 -17.01
N TYR A 109 -14.81 -0.36 -17.70
CA TYR A 109 -14.57 -0.54 -19.12
C TYR A 109 -15.82 -0.22 -19.93
N GLU A 115 -16.74 -3.89 -14.60
CA GLU A 115 -15.70 -3.14 -13.92
C GLU A 115 -14.86 -4.04 -13.02
N ALA A 116 -13.67 -3.57 -12.66
CA ALA A 116 -12.77 -4.28 -11.77
C ALA A 116 -12.38 -3.38 -10.61
N THR A 117 -12.18 -3.99 -9.44
CA THR A 117 -11.83 -3.26 -8.22
C THR A 117 -10.54 -3.85 -7.65
N TYR A 118 -9.76 -2.99 -6.99
CA TYR A 118 -8.49 -3.37 -6.41
C TYR A 118 -8.28 -2.61 -5.11
N LEU A 119 -7.54 -3.22 -4.18
CA LEU A 119 -7.13 -2.58 -2.95
C LEU A 119 -5.64 -2.30 -3.01
N ALA A 120 -5.24 -1.11 -2.59
CA ALA A 120 -3.84 -0.74 -2.52
C ALA A 120 -3.46 -0.40 -1.09
N LEU A 121 -2.32 -0.94 -0.65
CA LEU A 121 -1.76 -0.58 0.64
C LEU A 121 -0.80 0.60 0.55
N ASN A 122 -0.07 0.72 -0.56
CA ASN A 122 0.80 1.86 -0.80
C ASN A 122 0.11 2.90 -1.68
N GLU A 123 -0.07 2.59 -2.96
CA GLU A 123 -0.62 3.57 -3.89
C GLU A 123 -1.09 2.87 -5.15
N SER A 124 -1.81 3.63 -5.97
CA SER A 124 -2.19 3.22 -7.32
C SER A 124 -1.84 4.35 -8.27
N THR A 125 -1.18 4.03 -9.38
CA THR A 125 -0.75 5.02 -10.35
C THR A 125 -1.34 4.73 -11.72
N VAL A 126 -1.45 5.78 -12.52
CA VAL A 126 -1.95 5.69 -13.89
C VAL A 126 -0.94 6.36 -14.82
N LYS A 127 -0.53 5.64 -15.86
CA LYS A 127 0.35 6.18 -16.90
C LYS A 127 -0.19 5.73 -18.24
N SER A 128 0.24 6.43 -19.29
CA SER A 128 -0.30 6.14 -20.62
C SER A 128 0.26 4.82 -21.16
N SER A 129 -0.45 4.26 -22.14
CA SER A 129 -0.01 3.02 -22.77
C SER A 129 1.30 3.24 -23.52
N GLY A 130 1.36 4.23 -24.40
CA GLY A 130 2.57 4.52 -25.13
C GLY A 130 2.71 5.98 -25.49
N GLY A 131 1.61 6.57 -25.97
CA GLY A 131 1.61 7.96 -26.38
C GLY A 131 1.47 8.91 -25.20
N PRO A 132 0.93 10.09 -25.46
CA PRO A 132 0.78 11.08 -24.39
C PRO A 132 -0.32 10.70 -23.42
N PHE A 133 -0.15 11.14 -22.18
CA PHE A 133 -1.11 10.87 -21.11
C PHE A 133 -1.92 12.12 -20.84
N VAL A 134 -3.21 12.07 -21.19
CA VAL A 134 -4.14 13.17 -20.95
C VAL A 134 -5.40 12.59 -20.33
N VAL A 135 -5.76 13.08 -19.14
CA VAL A 135 -6.98 12.67 -18.47
C VAL A 135 -7.65 13.88 -17.86
N ASP A 136 -8.97 13.84 -17.78
CA ASP A 136 -9.74 14.82 -17.02
C ASP A 136 -9.91 14.33 -15.59
N VAL A 137 -9.60 15.19 -14.63
CA VAL A 137 -9.69 14.86 -13.21
C VAL A 137 -11.02 15.40 -12.68
N VAL A 138 -11.85 14.50 -12.16
CA VAL A 138 -13.17 14.83 -11.66
C VAL A 138 -13.21 14.48 -10.18
N ILE A 139 -13.56 15.47 -9.35
CA ILE A 139 -13.62 15.30 -7.90
C ILE A 139 -15.08 15.44 -7.49
N ASN A 140 -15.69 14.36 -7.02
CA ASN A 140 -17.08 14.39 -6.56
C ASN A 140 -18.02 14.91 -7.65
N ASP A 141 -17.81 14.42 -8.88
CA ASP A 141 -18.68 14.67 -10.02
C ASP A 141 -18.55 16.08 -10.58
N ILE A 142 -17.49 16.81 -10.26
CA ILE A 142 -17.24 18.14 -10.84
C ILE A 142 -15.85 18.14 -11.46
N HIS A 143 -15.75 18.68 -12.68
CA HIS A 143 -14.48 18.71 -13.41
CA HIS A 143 -14.49 18.70 -13.41
C HIS A 143 -13.52 19.67 -12.72
N PHE A 144 -12.35 19.15 -12.33
CA PHE A 144 -11.36 19.92 -11.60
C PHE A 144 -10.22 20.41 -12.49
N GLU A 145 -9.69 19.56 -13.36
CA GLU A 145 -8.58 19.94 -14.22
C GLU A 145 -8.42 18.92 -15.33
N ARG A 146 -7.80 19.36 -16.42
CA ARG A 146 -7.38 18.46 -17.49
C ARG A 146 -5.88 18.27 -17.37
N PHE A 147 -5.48 17.10 -16.88
CA PHE A 147 -4.07 16.82 -16.61
C PHE A 147 -3.40 16.27 -17.86
N ARG A 148 -2.25 16.85 -18.22
CA ARG A 148 -1.37 16.27 -19.22
C ARG A 148 0.03 16.20 -18.64
N GLY A 149 0.61 14.99 -18.68
CA GLY A 149 1.94 14.76 -18.13
C GLY A 149 2.35 13.30 -18.17
N ASP A 150 3.19 12.87 -17.23
CA ASP A 150 3.62 11.48 -17.24
C ASP A 150 2.62 10.56 -16.56
N GLY A 151 1.96 11.03 -15.51
CA GLY A 151 0.98 10.20 -14.84
C GLY A 151 0.54 10.81 -13.52
N LEU A 152 -0.28 10.05 -12.80
CA LEU A 152 -0.81 10.45 -11.51
C LEU A 152 -0.64 9.32 -10.52
N CYS A 153 -0.53 9.67 -9.24
CA CYS A 153 -0.35 8.70 -8.18
C CYS A 153 -1.28 9.03 -7.02
N MET A 154 -2.09 8.05 -6.61
CA MET A 154 -3.00 8.19 -5.48
C MET A 154 -2.50 7.29 -4.37
N SER A 155 -2.15 7.89 -3.23
CA SER A 155 -1.45 7.19 -2.16
C SER A 155 -2.33 7.04 -0.92
N THR A 156 -2.12 5.94 -0.22
CA THR A 156 -2.65 5.75 1.12
C THR A 156 -1.79 6.52 2.12
N PRO A 157 -2.25 6.66 3.37
CA PRO A 157 -1.38 7.32 4.37
C PRO A 157 -0.06 6.61 4.58
N SER A 158 -0.08 5.30 4.82
CA SER A 158 1.17 4.55 4.98
C SER A 158 1.96 4.49 3.67
N GLY A 159 1.32 4.74 2.54
CA GLY A 159 2.03 4.81 1.28
C GLY A 159 2.69 6.13 1.00
N THR A 160 2.42 7.16 1.81
CA THR A 160 2.98 8.47 1.53
C THR A 160 4.49 8.51 1.63
N THR A 161 5.09 7.57 2.37
CA THR A 161 6.55 7.50 2.49
C THR A 161 7.21 6.77 1.34
N ALA A 162 6.45 6.34 0.34
CA ALA A 162 6.96 5.53 -0.76
C ALA A 162 6.94 6.36 -2.04
N TYR A 163 6.30 5.91 -3.12
CA TYR A 163 6.25 6.65 -4.37
C TYR A 163 5.77 8.08 -4.16
N ASN A 164 4.76 8.25 -3.31
CA ASN A 164 4.22 9.59 -3.04
C ASN A 164 5.31 10.55 -2.59
N LYS A 165 6.24 10.09 -1.75
CA LYS A 165 7.29 10.97 -1.24
C LYS A 165 8.23 11.42 -2.35
N SER A 166 8.62 10.50 -3.24
CA SER A 166 9.49 10.87 -4.35
C SER A 166 8.84 11.85 -5.32
N LEU A 167 7.52 11.96 -5.29
CA LEU A 167 6.80 12.86 -6.18
C LEU A 167 6.46 14.19 -5.50
N GLY A 168 7.01 14.45 -4.32
CA GLY A 168 6.78 15.70 -3.63
C GLY A 168 5.60 15.73 -2.71
N GLY A 169 4.91 14.61 -2.50
CA GLY A 169 3.75 14.59 -1.64
C GLY A 169 4.12 14.70 -0.17
N ALA A 170 3.10 14.99 0.65
CA ALA A 170 3.31 15.11 2.08
C ALA A 170 3.26 13.74 2.74
N LEU A 171 3.93 13.63 3.88
CA LEU A 171 3.87 12.43 4.71
C LEU A 171 2.74 12.59 5.71
N MET A 172 1.78 11.67 5.66
CA MET A 172 0.60 11.71 6.51
C MET A 172 0.67 10.58 7.54
N HIS A 173 0.35 10.91 8.79
CA HIS A 173 0.27 9.88 9.81
C HIS A 173 -0.85 8.90 9.46
N PRO A 174 -0.60 7.60 9.56
CA PRO A 174 -1.58 6.60 9.08
C PRO A 174 -2.88 6.55 9.88
N SER A 175 -3.01 7.29 10.98
CA SER A 175 -4.28 7.36 11.68
C SER A 175 -5.29 8.27 10.97
N ILE A 176 -4.85 9.01 9.96
CA ILE A 176 -5.72 9.90 9.21
C ILE A 176 -6.32 9.11 8.05
N GLU A 177 -7.65 9.02 8.02
CA GLU A 177 -8.32 8.28 6.95
C GLU A 177 -8.43 9.20 5.74
N ALA A 178 -7.48 9.06 4.82
CA ALA A 178 -7.41 9.94 3.67
C ALA A 178 -6.61 9.29 2.55
N MET A 179 -6.64 9.93 1.38
CA MET A 179 -5.81 9.55 0.25
C MET A 179 -5.20 10.82 -0.35
N GLN A 180 -4.01 10.67 -0.93
CA GLN A 180 -3.26 11.81 -1.44
C GLN A 180 -2.91 11.58 -2.91
N LEU A 181 -3.26 12.55 -3.75
CA LEU A 181 -2.99 12.51 -5.18
C LEU A 181 -1.84 13.45 -5.50
N THR A 182 -0.85 12.94 -6.24
CA THR A 182 0.29 13.73 -6.66
C THR A 182 0.48 13.60 -8.16
N GLU A 183 1.14 14.60 -8.75
CA GLU A 183 1.34 14.68 -10.19
C GLU A 183 2.73 14.17 -10.56
N MET A 184 2.84 13.63 -11.78
CA MET A 184 4.11 13.22 -12.36
C MET A 184 4.39 14.10 -13.57
N ALA A 185 5.30 15.07 -13.40
CA ALA A 185 5.79 15.90 -14.49
C ALA A 185 4.67 16.47 -15.35
N SER A 186 3.86 17.36 -14.79
CA SER A 186 2.74 17.92 -15.53
C SER A 186 3.20 19.09 -16.39
N ILE A 187 2.57 19.24 -17.54
CA ILE A 187 2.76 20.42 -18.36
C ILE A 187 1.89 21.54 -17.82
N ASN A 188 2.47 22.73 -17.71
CA ASN A 188 1.74 23.91 -17.23
C ASN A 188 2.19 25.11 -18.05
N ASN A 189 1.35 25.54 -18.98
CA ASN A 189 1.62 26.72 -19.78
C ASN A 189 0.28 27.43 -20.04
N ARG A 190 0.26 28.29 -21.05
CA ARG A 190 -0.93 29.00 -21.48
C ARG A 190 -2.03 28.07 -22.05
N VAL A 191 -1.80 26.76 -22.10
CA VAL A 191 -2.78 25.81 -22.62
C VAL A 191 -3.26 24.93 -21.47
N TYR A 192 -2.45 23.94 -21.10
CA TYR A 192 -2.79 23.05 -20.00
C TYR A 192 -2.47 23.70 -18.65
N ARG A 193 -3.34 23.48 -17.67
CA ARG A 193 -3.16 24.03 -16.34
C ARG A 193 -3.58 22.98 -15.31
N THR A 194 -2.64 22.61 -14.44
CA THR A 194 -2.92 21.70 -13.34
C THR A 194 -2.70 22.43 -12.02
N ILE A 195 -3.17 21.80 -10.94
CA ILE A 195 -3.06 22.44 -9.64
C ILE A 195 -1.61 22.43 -9.15
N GLY A 196 -0.85 21.40 -9.50
CA GLY A 196 0.53 21.31 -9.07
C GLY A 196 0.70 20.72 -7.69
N SER A 197 0.04 21.32 -6.70
CA SER A 197 0.18 20.86 -5.33
C SER A 197 -0.41 19.45 -5.16
N PRO A 198 0.10 18.67 -4.22
CA PRO A 198 -0.58 17.42 -3.86
C PRO A 198 -1.94 17.73 -3.25
N LEU A 199 -2.88 16.82 -3.46
CA LEU A 199 -4.24 16.96 -2.96
C LEU A 199 -4.53 15.84 -1.98
N VAL A 200 -5.05 16.18 -0.81
CA VAL A 200 -5.38 15.22 0.23
C VAL A 200 -6.90 15.18 0.37
N PHE A 201 -7.48 14.00 0.12
CA PHE A 201 -8.92 13.81 0.12
C PHE A 201 -9.36 13.00 1.33
N PRO A 202 -10.47 13.36 1.97
CA PRO A 202 -10.98 12.60 3.10
C PRO A 202 -11.81 11.42 2.61
N LYS A 203 -12.33 10.65 3.58
CA LYS A 203 -13.22 9.55 3.27
C LYS A 203 -14.46 10.05 2.53
N HIS A 204 -15.00 9.20 1.66
CA HIS A 204 -16.22 9.39 0.89
C HIS A 204 -16.03 10.34 -0.29
N HIS A 205 -14.90 11.03 -0.40
CA HIS A 205 -14.62 11.80 -1.61
C HIS A 205 -14.18 10.86 -2.72
N VAL A 206 -14.74 11.05 -3.91
CA VAL A 206 -14.46 10.20 -5.07
C VAL A 206 -13.71 11.02 -6.11
N VAL A 207 -12.51 10.58 -6.44
CA VAL A 207 -11.70 11.18 -7.50
C VAL A 207 -11.76 10.28 -8.72
N SER A 208 -12.16 10.84 -9.86
CA SER A 208 -12.43 10.09 -11.07
C SER A 208 -11.52 10.57 -12.19
N LEU A 209 -10.81 9.64 -12.83
CA LEU A 209 -9.97 9.94 -13.98
C LEU A 209 -10.70 9.47 -15.23
N GLN A 210 -10.81 10.36 -16.22
CA GLN A 210 -11.56 10.07 -17.43
C GLN A 210 -10.74 10.39 -18.66
N PRO A 211 -10.75 9.51 -19.66
CA PRO A 211 -9.86 9.69 -20.81
C PRO A 211 -10.34 10.81 -21.73
N VAL A 212 -9.39 11.45 -22.39
CA VAL A 212 -9.68 12.51 -23.35
C VAL A 212 -9.62 11.99 -24.79
N ASN A 213 -8.53 11.30 -25.14
CA ASN A 213 -8.41 10.68 -26.46
C ASN A 213 -8.01 9.21 -26.33
N ASP A 214 -6.77 8.96 -25.92
CA ASP A 214 -6.31 7.58 -25.74
C ASP A 214 -7.03 6.94 -24.56
N LYS A 215 -7.52 5.73 -24.76
CA LYS A 215 -8.27 5.01 -23.73
C LYS A 215 -7.50 3.84 -23.14
N ASP A 216 -6.23 3.67 -23.52
CA ASP A 216 -5.38 2.62 -22.97
C ASP A 216 -4.44 3.24 -21.94
N PHE A 217 -4.32 2.58 -20.78
CA PHE A 217 -3.54 3.11 -19.68
C PHE A 217 -2.78 1.99 -18.99
N GLN A 218 -1.58 2.30 -18.51
CA GLN A 218 -0.83 1.42 -17.63
C GLN A 218 -1.22 1.76 -16.19
N ILE A 219 -1.96 0.87 -15.54
CA ILE A 219 -2.46 1.09 -14.19
C ILE A 219 -1.72 0.17 -13.24
N SER A 220 -1.21 0.74 -12.16
CA SER A 220 -0.50 -0.03 -11.15
C SER A 220 -1.25 0.03 -9.83
N VAL A 221 -1.15 -1.06 -9.07
CA VAL A 221 -1.66 -1.13 -7.70
C VAL A 221 -0.58 -1.81 -6.88
N ASP A 222 0.12 -1.04 -6.06
CA ASP A 222 1.29 -1.52 -5.31
C ASP A 222 2.29 -2.05 -6.34
N HIS A 223 2.73 -3.31 -6.23
CA HIS A 223 3.71 -3.84 -7.17
C HIS A 223 3.10 -4.28 -8.49
N LEU A 224 1.82 -4.66 -8.50
CA LEU A 224 1.20 -5.14 -9.72
C LEU A 224 0.94 -3.98 -10.68
N SER A 225 1.23 -4.21 -11.97
CA SER A 225 1.05 -3.21 -13.02
C SER A 225 0.47 -3.89 -14.24
N ILE A 226 -0.69 -3.42 -14.69
CA ILE A 226 -1.41 -4.03 -15.80
C ILE A 226 -1.74 -2.96 -16.85
N LEU A 227 -1.57 -3.31 -18.11
CA LEU A 227 -2.04 -2.47 -19.21
C LEU A 227 -3.53 -2.73 -19.42
N HIS A 228 -4.34 -1.72 -19.11
CA HIS A 228 -5.79 -1.82 -19.25
C HIS A 228 -6.23 -1.14 -20.53
N ARG A 229 -7.06 -1.84 -21.31
CA ARG A 229 -7.55 -1.33 -22.58
C ARG A 229 -9.03 -0.99 -22.48
N ASP A 230 -9.46 -0.05 -23.33
CA ASP A 230 -10.84 0.40 -23.40
C ASP A 230 -11.34 0.88 -22.04
N VAL A 231 -10.50 1.65 -21.35
CA VAL A 231 -10.85 2.17 -20.04
C VAL A 231 -11.77 3.37 -20.20
N GLN A 232 -12.91 3.32 -19.51
CA GLN A 232 -13.82 4.45 -19.53
C GLN A 232 -13.65 5.37 -18.33
N GLU A 233 -13.16 4.82 -17.21
CA GLU A 233 -13.07 5.59 -15.98
C GLU A 233 -12.20 4.85 -14.98
N ILE A 234 -11.53 5.62 -14.11
CA ILE A 234 -10.79 5.09 -12.98
C ILE A 234 -11.24 5.88 -11.76
N ARG A 235 -11.80 5.19 -10.76
CA ARG A 235 -12.33 5.81 -9.55
C ARG A 235 -11.44 5.49 -8.36
N TYR A 236 -11.10 6.53 -7.59
CA TYR A 236 -10.32 6.41 -6.37
C TYR A 236 -11.15 6.90 -5.19
N GLU A 237 -11.09 6.14 -4.09
CA GLU A 237 -11.73 6.55 -2.85
C GLU A 237 -11.11 5.77 -1.70
N VAL A 238 -11.14 6.36 -0.51
CA VAL A 238 -10.66 5.67 0.68
C VAL A 238 -11.51 4.44 0.92
N SER A 239 -10.85 3.29 1.06
CA SER A 239 -11.58 2.04 1.20
C SER A 239 -12.28 1.95 2.55
N ALA A 240 -13.39 1.22 2.57
CA ALA A 240 -14.03 0.88 3.84
C ALA A 240 -13.28 -0.22 4.57
N LYS A 241 -12.44 -0.97 3.87
CA LYS A 241 -11.63 -2.00 4.52
C LYS A 241 -10.34 -1.39 5.04
N LYS A 242 -9.78 -2.03 6.08
CA LYS A 242 -8.51 -1.62 6.65
C LYS A 242 -7.65 -2.86 6.85
N ILE A 243 -6.33 -2.65 6.89
CA ILE A 243 -5.37 -3.70 7.19
C ILE A 243 -5.05 -3.64 8.68
N HIS A 244 -5.01 -4.81 9.31
CA HIS A 244 -4.81 -4.90 10.75
C HIS A 244 -3.42 -5.44 11.05
N PHE A 245 -2.65 -4.70 11.84
CA PHE A 245 -1.33 -5.11 12.28
C PHE A 245 -1.40 -5.59 13.72
N ALA A 246 -0.65 -6.65 14.01
CA ALA A 246 -0.42 -7.04 15.40
C ALA A 246 0.59 -6.10 16.02
N ARG A 247 0.23 -5.51 17.16
CA ARG A 247 1.05 -4.52 17.85
C ARG A 247 1.59 -5.14 19.13
N PHE A 248 2.91 -5.10 19.30
CA PHE A 248 3.55 -5.64 20.49
C PHE A 248 4.26 -4.60 21.34
N ARG A 249 4.76 -3.53 20.73
CA ARG A 249 5.32 -2.41 21.49
C ARG A 249 5.20 -1.17 20.63
N SER A 250 5.62 -0.03 21.19
CA SER A 250 5.48 1.26 20.53
C SER A 250 6.65 1.48 19.58
N PHE A 251 6.34 1.55 18.29
CA PHE A 251 7.28 2.01 17.26
C PHE A 251 6.54 3.10 16.50
N PRO A 252 6.56 4.32 17.03
CA PRO A 252 5.75 5.40 16.43
C PRO A 252 6.10 5.64 14.97
N PHE A 253 5.07 5.97 14.18
CA PHE A 253 5.26 6.21 12.75
C PHE A 253 6.31 7.29 12.50
N TRP A 254 6.26 8.37 13.28
CA TRP A 254 7.23 9.46 13.08
C TRP A 254 8.64 9.02 13.42
N ARG A 255 8.80 8.14 14.40
CA ARG A 255 10.12 7.56 14.65
C ARG A 255 10.54 6.66 13.49
N ARG A 256 9.59 5.90 12.93
CA ARG A 256 9.89 5.09 11.76
C ARG A 256 10.33 5.96 10.58
N VAL A 257 9.71 7.14 10.45
CA VAL A 257 10.14 8.10 9.42
C VAL A 257 11.54 8.62 9.72
N HIS A 258 11.81 8.96 10.99
CA HIS A 258 13.12 9.49 11.36
C HIS A 258 14.22 8.45 11.12
N ASP A 259 13.96 7.20 11.50
CA ASP A 259 14.97 6.16 11.36
C ASP A 259 15.24 5.83 9.89
N SER A 260 14.24 5.99 9.02
CA SER A 260 14.41 5.64 7.62
C SER A 260 15.01 6.76 6.80
N PHE A 261 14.71 8.02 7.14
CA PHE A 261 15.09 9.14 6.30
C PHE A 261 16.07 10.12 6.94
N ILE A 262 16.15 10.19 8.27
CA ILE A 262 17.05 11.14 8.88
C ILE A 262 18.36 10.43 9.23
N GLU A 263 18.28 9.40 10.07
CA GLU A 263 19.36 8.48 10.35
C GLU A 263 18.89 7.50 11.43
N ASP A 264 19.54 6.34 11.48
CA ASP A 264 19.22 5.32 12.45
C ASP A 264 20.47 4.97 13.26
C1 CIT B . 1.94 6.12 16.17
O1 CIT B . 2.67 6.36 15.18
O2 CIT B . 2.06 6.85 17.16
C2 CIT B . 0.96 4.97 16.18
C3 CIT B . 1.57 3.64 15.73
O7 CIT B . 2.75 3.38 16.52
C4 CIT B . 0.57 2.51 15.93
C5 CIT B . 0.44 2.19 17.40
O3 CIT B . -0.61 2.47 18.02
O4 CIT B . 1.38 1.63 18.03
C6 CIT B . 1.95 3.70 14.26
O5 CIT B . 1.08 3.56 13.38
O6 CIT B . 3.14 3.89 13.91
C2 K2H C . 9.88 5.74 -4.90
C4 K2H C . 8.72 3.98 -5.81
C5 K2H C . 9.02 4.44 -7.07
C6 K2H C . 9.77 5.59 -7.19
N9 K2H C . 8.00 2.89 -5.94
C8 K2H C . 7.84 2.65 -7.24
CAK K2H C . 7.49 2.09 -4.83
CAM K2H C . 6.82 -0.02 -4.41
CAN K2H C . 6.86 -1.51 -4.82
CAP K2H C . 7.85 -2.79 -2.94
CAQ K2H C . 7.84 -1.71 -1.95
CAR K2H C . 7.83 -0.80 -1.14
CAS K2H C . 7.86 0.26 -0.18
CAU K2H C . 8.59 1.83 1.06
CAW K2H C . 8.65 3.55 2.58
CAY K2H C . 6.62 2.56 2.15
CAZ K2H C . 7.23 1.71 1.25
CBC K2H C . 9.27 -1.47 -4.41
CBD K2H C . 5.57 0.67 -4.97
CBF K2H C . 5.97 2.14 -4.89
N1 K2H C . 10.18 6.22 -6.09
N3 K2H C . 9.16 4.65 -4.75
N6 K2H C . 10.08 6.09 -8.39
N7 K2H C . 8.46 3.60 -7.93
NAO K2H C . 8.03 -2.26 -4.31
NAT K2H C . 8.94 0.93 0.16
NAV K2H C . 9.27 2.76 1.73
NAX K2H C . 7.35 3.46 2.78
NBA K2H C . 6.81 0.72 0.48
NBB K2H C . 5.32 2.48 2.38
OAL K2H C . 7.83 0.73 -5.05
OBE K2H C . 4.44 0.44 -4.14
OBG K2H C . 5.49 2.72 -3.69
#